data_5JZN
#
_entry.id   5JZN
#
_cell.length_a   106.360
_cell.length_b   106.360
_cell.length_c   157.370
_cell.angle_alpha   90.000
_cell.angle_beta   90.000
_cell.angle_gamma   120.000
#
_symmetry.space_group_name_H-M   'P 61'
#
loop_
_entity.id
_entity.type
_entity.pdbx_description
1 polymer 'Serine/threonine-protein kinase DCLK1'
2 non-polymer "5-CHLORO-N-[2-METHOXY-4-[4-(4-METHYLPIPERAZIN-1-YL)PIPERIDIN-1-YL]PHENYL]-N'-(2-PROPAN-2-YLSULFONYLPHENYL)PYRIMIDINE-2,4-DIAMINE"
3 non-polymer 'SULFATE ION'
4 water water
#
_entity_poly.entity_id   1
_entity_poly.type   'polypeptide(L)'
_entity_poly.pdbx_seq_one_letter_code
;GSGEEVSEEGFQIPATITERYKVGRTIGDGNFAVVKECVERSTAREYALKIIKKSKCRGKEHMIQNEVSILRRVKHPNIV
LLIEEMDVPTELYLVMELVKGGDLFDAITSTNKYTERDASGMLYNLASAIKYLHSLNIVHRDIKPENLLVYEHQDGSKSL
KLGDFGLATIVDGPLYTVCGTPTYVAPEIIAETGYGLKVDIWAAGVITYILLCGFPPFRGSGDDQEVLFDQILMGQVDFP
SPYWDNVSDSAKELITMMLLVDVDQRFSAVQVLEHPWVND
;
_entity_poly.pdbx_strand_id   A,B
#
# COMPACT_ATOMS: atom_id res chain seq x y z
N GLY A 10 -13.20 1.54 19.45
CA GLY A 10 -12.98 2.46 20.55
C GLY A 10 -11.95 3.51 20.18
N PHE A 11 -12.36 4.47 19.37
CA PHE A 11 -11.48 5.54 18.89
C PHE A 11 -11.03 6.49 20.00
N GLN A 12 -9.75 6.79 20.11
CA GLN A 12 -9.37 7.80 21.10
C GLN A 12 -9.35 9.18 20.43
N ILE A 13 -10.49 9.86 20.30
CA ILE A 13 -10.50 11.18 19.64
C ILE A 13 -9.64 12.24 20.36
N PRO A 14 -8.64 12.82 19.67
CA PRO A 14 -7.79 13.84 20.28
C PRO A 14 -8.52 15.09 20.79
N ALA A 15 -8.01 15.66 21.88
CA ALA A 15 -8.59 16.83 22.54
C ALA A 15 -8.74 18.02 21.60
N THR A 16 -7.74 18.22 20.76
CA THR A 16 -7.73 19.32 19.82
C THR A 16 -8.87 19.27 18.81
N ILE A 17 -9.31 18.07 18.45
CA ILE A 17 -10.44 17.93 17.54
C ILE A 17 -11.76 18.27 18.24
N THR A 18 -11.99 17.66 19.40
CA THR A 18 -13.21 17.86 20.20
C THR A 18 -13.34 19.30 20.70
N GLU A 19 -12.20 19.97 20.85
CA GLU A 19 -12.19 21.36 21.29
C GLU A 19 -12.93 22.27 20.31
N ARG A 20 -12.67 22.09 19.01
CA ARG A 20 -13.24 22.93 17.95
C ARG A 20 -14.39 22.34 17.13
N TYR A 21 -14.58 21.04 17.20
CA TYR A 21 -15.62 20.35 16.42
C TYR A 21 -16.52 19.48 17.31
N LYS A 22 -17.81 19.49 16.98
CA LYS A 22 -18.82 18.63 17.58
C LYS A 22 -19.02 17.39 16.72
N VAL A 23 -18.58 16.23 17.18
CA VAL A 23 -18.67 15.03 16.35
C VAL A 23 -20.09 14.47 16.28
N GLY A 24 -20.52 14.25 15.06
CA GLY A 24 -21.85 13.79 14.71
C GLY A 24 -22.05 12.35 14.23
N ARG A 25 -23.10 12.19 13.42
CA ARG A 25 -23.50 10.88 12.94
C ARG A 25 -22.50 10.28 11.94
N THR A 26 -22.46 8.94 11.91
CA THR A 26 -21.69 8.15 10.98
C THR A 26 -22.30 8.23 9.58
N ILE A 27 -21.54 8.64 8.55
CA ILE A 27 -22.14 8.74 7.22
C ILE A 27 -21.63 7.61 6.33
N GLY A 28 -20.62 6.89 6.80
CA GLY A 28 -20.08 5.77 6.06
C GLY A 28 -19.17 4.99 6.97
N ASP A 29 -18.92 3.74 6.60
CA ASP A 29 -18.06 2.83 7.36
C ASP A 29 -17.40 1.84 6.44
N GLY A 30 -16.14 1.50 6.73
CA GLY A 30 -15.42 0.54 5.93
C GLY A 30 -14.38 -0.21 6.73
N ASN A 31 -13.59 -1.03 6.03
CA ASN A 31 -12.54 -1.79 6.68
C ASN A 31 -11.43 -0.91 7.28
N PHE A 32 -11.11 0.24 6.65
CA PHE A 32 -9.96 0.99 7.17
C PHE A 32 -10.34 2.36 7.76
N ALA A 33 -11.47 2.92 7.32
CA ALA A 33 -11.83 4.26 7.80
C ALA A 33 -13.29 4.33 8.27
N VAL A 34 -13.56 5.26 9.18
CA VAL A 34 -14.92 5.62 9.58
C VAL A 34 -15.15 7.09 9.26
N VAL A 35 -16.21 7.46 8.55
CA VAL A 35 -16.39 8.88 8.24
C VAL A 35 -17.64 9.42 8.94
N LYS A 36 -17.47 10.51 9.67
CA LYS A 36 -18.60 11.10 10.39
C LYS A 36 -18.86 12.53 9.98
N GLU A 37 -20.11 12.95 10.14
CA GLU A 37 -20.48 14.35 9.97
C GLU A 37 -19.97 15.04 11.22
N CYS A 38 -19.51 16.28 11.09
CA CYS A 38 -19.12 16.99 12.29
C CYS A 38 -19.36 18.48 12.08
N VAL A 39 -19.47 19.21 13.18
CA VAL A 39 -19.81 20.63 13.12
C VAL A 39 -18.83 21.49 13.87
N GLU A 40 -18.28 22.48 13.18
CA GLU A 40 -17.38 23.44 13.79
C GLU A 40 -18.09 24.37 14.75
N ARG A 41 -17.76 24.25 16.04
CA ARG A 41 -18.45 24.99 17.09
C ARG A 41 -18.56 26.51 16.88
N SER A 42 -17.47 27.17 16.50
CA SER A 42 -17.54 28.62 16.35
C SER A 42 -18.49 29.09 15.22
N THR A 43 -18.60 28.30 14.16
CA THR A 43 -19.36 28.71 12.99
C THR A 43 -20.58 27.89 12.66
N ALA A 44 -20.69 26.71 13.25
CA ALA A 44 -21.75 25.77 12.90
C ALA A 44 -21.63 25.22 11.48
N ARG A 45 -20.50 25.47 10.83
CA ARG A 45 -20.28 24.96 9.48
C ARG A 45 -20.05 23.44 9.52
N GLU A 46 -20.63 22.72 8.55
CA GLU A 46 -20.49 21.27 8.54
C GLU A 46 -19.28 20.80 7.76
N TYR A 47 -18.63 19.77 8.30
CA TYR A 47 -17.46 19.16 7.71
C TYR A 47 -17.54 17.66 7.87
N ALA A 48 -16.67 16.93 7.19
CA ALA A 48 -16.59 15.49 7.40
C ALA A 48 -15.35 15.16 8.24
N LEU A 49 -15.47 14.20 9.14
CA LEU A 49 -14.32 13.76 9.92
C LEU A 49 -14.02 12.33 9.52
N LYS A 50 -12.92 12.17 8.82
CA LYS A 50 -12.51 10.85 8.37
C LYS A 50 -11.52 10.28 9.38
N ILE A 51 -11.83 9.12 9.91
CA ILE A 51 -10.99 8.51 10.91
C ILE A 51 -10.37 7.30 10.29
N ILE A 52 -9.06 7.35 10.12
CA ILE A 52 -8.34 6.25 9.49
C ILE A 52 -7.66 5.44 10.56
N LYS A 53 -8.05 4.18 10.66
CA LYS A 53 -7.44 3.24 11.60
C LYS A 53 -6.10 2.69 11.14
N LYS A 54 -5.02 3.04 11.83
CA LYS A 54 -3.70 2.58 11.43
C LYS A 54 -3.62 1.08 11.73
N SER A 55 -2.82 0.37 10.94
CA SER A 55 -2.65 -1.07 11.11
C SER A 55 -1.75 -1.43 12.29
N LYS A 56 -2.23 -2.25 13.22
CA LYS A 56 -1.34 -2.54 14.33
C LYS A 56 -0.43 -3.69 13.92
N CYS A 57 0.82 -3.60 14.36
CA CYS A 57 1.83 -4.65 14.15
C CYS A 57 2.09 -5.30 15.52
N ARG A 58 3.01 -6.25 15.56
CA ARG A 58 3.43 -6.78 16.86
C ARG A 58 4.31 -5.81 17.63
N GLY A 59 4.01 -5.79 18.93
CA GLY A 59 4.57 -4.88 19.92
C GLY A 59 3.58 -3.74 20.00
N LYS A 60 3.98 -2.63 20.61
CA LYS A 60 3.06 -1.51 20.79
C LYS A 60 3.23 -0.49 19.66
N GLU A 61 3.10 -0.89 18.40
CA GLU A 61 3.32 0.07 17.32
C GLU A 61 2.31 -0.09 16.19
N HIS A 62 2.06 1.02 15.50
CA HIS A 62 1.17 1.03 14.35
C HIS A 62 1.89 1.46 13.08
N MET A 63 1.44 0.96 11.93
CA MET A 63 2.06 1.29 10.65
C MET A 63 1.80 2.76 10.31
N ILE A 64 2.72 3.38 9.57
CA ILE A 64 2.58 4.79 9.23
C ILE A 64 1.75 4.84 7.95
N GLN A 65 1.08 5.96 7.72
CA GLN A 65 0.14 6.09 6.60
C GLN A 65 0.65 7.11 5.60
N ASN A 66 0.13 7.00 4.38
CA ASN A 66 0.55 7.86 3.29
C ASN A 66 -0.35 8.99 2.85
N GLU A 67 -1.65 8.81 3.05
CA GLU A 67 -2.65 9.76 2.55
C GLU A 67 -2.34 11.25 2.80
N VAL A 68 -2.02 11.64 4.04
CA VAL A 68 -1.75 13.06 4.34
C VAL A 68 -0.60 13.72 3.59
N SER A 69 0.47 12.99 3.33
CA SER A 69 1.60 13.52 2.59
C SER A 69 1.18 14.04 1.22
N ILE A 70 0.24 13.33 0.61
CA ILE A 70 -0.28 13.72 -0.69
C ILE A 70 -1.37 14.77 -0.52
N LEU A 71 -2.28 14.55 0.42
CA LEU A 71 -3.38 15.50 0.65
C LEU A 71 -2.87 16.92 0.94
N ARG A 72 -1.78 17.01 1.71
CA ARG A 72 -1.19 18.30 2.06
C ARG A 72 -0.79 19.14 0.85
N ARG A 73 -0.47 18.46 -0.24
CA ARG A 73 0.02 19.12 -1.45
C ARG A 73 -1.11 19.66 -2.36
N VAL A 74 -2.27 19.00 -2.35
CA VAL A 74 -3.36 19.23 -3.32
C VAL A 74 -4.46 20.23 -2.93
N LYS A 75 -4.66 21.25 -3.77
CA LYS A 75 -5.71 22.24 -3.58
C LYS A 75 -6.30 22.55 -4.96
N HIS A 76 -7.50 22.03 -5.18
CA HIS A 76 -8.19 22.16 -6.47
C HIS A 76 -9.70 22.03 -6.26
N PRO A 77 -10.49 22.80 -7.03
CA PRO A 77 -11.96 22.77 -6.89
C PRO A 77 -12.65 21.43 -7.16
N ASN A 78 -12.05 20.54 -7.96
CA ASN A 78 -12.63 19.22 -8.22
C ASN A 78 -11.99 18.13 -7.35
N ILE A 79 -11.41 18.57 -6.23
CA ILE A 79 -10.83 17.69 -5.23
C ILE A 79 -11.40 18.08 -3.86
N VAL A 80 -11.76 17.08 -3.06
CA VAL A 80 -12.26 17.32 -1.71
C VAL A 80 -11.16 18.00 -0.93
N LEU A 81 -11.49 19.15 -0.34
CA LEU A 81 -10.49 19.93 0.38
C LEU A 81 -10.19 19.38 1.76
N LEU A 82 -8.91 19.34 2.09
CA LEU A 82 -8.47 19.01 3.43
C LEU A 82 -8.46 20.29 4.24
N ILE A 83 -9.15 20.23 5.37
CA ILE A 83 -9.25 21.34 6.29
C ILE A 83 -8.19 21.25 7.35
N GLU A 84 -8.15 20.11 8.03
CA GLU A 84 -7.13 19.91 9.03
C GLU A 84 -6.81 18.44 9.24
N GLU A 85 -5.64 18.16 9.83
CA GLU A 85 -5.24 16.78 10.04
C GLU A 85 -4.67 16.59 11.44
N MET A 86 -4.92 15.44 12.05
CA MET A 86 -4.39 15.19 13.39
C MET A 86 -3.93 13.74 13.50
N ASP A 87 -2.62 13.49 13.62
CA ASP A 87 -2.13 12.11 13.77
C ASP A 87 -1.84 11.68 15.22
N VAL A 88 -2.44 10.56 15.63
CA VAL A 88 -2.22 9.95 16.94
C VAL A 88 -1.72 8.52 16.71
N PRO A 89 -1.10 7.89 17.72
CA PRO A 89 -0.51 6.56 17.51
C PRO A 89 -1.43 5.52 16.86
N THR A 90 -2.70 5.47 17.23
CA THR A 90 -3.59 4.43 16.71
C THR A 90 -4.42 4.77 15.46
N GLU A 91 -4.72 6.03 15.23
CA GLU A 91 -5.51 6.43 14.07
C GLU A 91 -5.13 7.82 13.56
N LEU A 92 -5.62 8.16 12.38
CA LEU A 92 -5.35 9.46 11.77
C LEU A 92 -6.65 10.20 11.54
N TYR A 93 -6.71 11.46 11.96
CA TYR A 93 -7.93 12.24 11.82
C TYR A 93 -7.88 13.31 10.74
N LEU A 94 -8.85 13.27 9.84
CA LEU A 94 -8.93 14.25 8.77
C LEU A 94 -10.26 14.99 8.77
N VAL A 95 -10.20 16.31 8.93
CA VAL A 95 -11.39 17.13 8.82
C VAL A 95 -11.43 17.54 7.35
N MET A 96 -12.49 17.18 6.62
CA MET A 96 -12.55 17.51 5.21
C MET A 96 -13.87 18.15 4.85
N GLU A 97 -13.92 18.89 3.74
CA GLU A 97 -15.19 19.47 3.29
C GLU A 97 -16.22 18.38 3.09
N LEU A 98 -17.42 18.64 3.58
CA LEU A 98 -18.49 17.69 3.44
C LEU A 98 -19.19 17.97 2.10
N VAL A 99 -19.40 16.89 1.33
CA VAL A 99 -20.11 16.97 0.06
C VAL A 99 -21.39 16.21 0.23
N LYS A 100 -22.47 16.98 0.37
CA LYS A 100 -23.80 16.46 0.71
C LYS A 100 -24.48 15.52 -0.29
N GLY A 101 -24.12 15.62 -1.56
CA GLY A 101 -24.75 14.78 -2.58
C GLY A 101 -24.33 13.32 -2.57
N GLY A 102 -23.43 12.96 -1.66
CA GLY A 102 -22.96 11.60 -1.54
C GLY A 102 -21.96 11.25 -2.63
N ASP A 103 -21.75 9.96 -2.86
CA ASP A 103 -20.75 9.54 -3.85
C ASP A 103 -21.40 9.04 -5.14
N LEU A 104 -20.57 8.90 -6.18
CA LEU A 104 -21.02 8.51 -7.50
C LEU A 104 -21.46 7.06 -7.63
N PHE A 105 -21.00 6.17 -6.76
CA PHE A 105 -21.44 4.78 -6.81
C PHE A 105 -22.96 4.70 -6.58
N ASP A 106 -23.43 5.37 -5.54
CA ASP A 106 -24.86 5.39 -5.21
C ASP A 106 -25.68 6.12 -6.26
N ALA A 107 -25.09 7.16 -6.84
CA ALA A 107 -25.77 7.92 -7.87
C ALA A 107 -26.03 7.07 -9.10
N ILE A 108 -25.01 6.34 -9.54
CA ILE A 108 -25.12 5.45 -10.69
C ILE A 108 -26.13 4.33 -10.47
N THR A 109 -26.18 3.76 -9.26
CA THR A 109 -27.15 2.69 -8.98
C THR A 109 -28.57 3.26 -9.00
N SER A 110 -28.71 4.48 -8.52
CA SER A 110 -29.99 5.17 -8.46
C SER A 110 -30.49 5.66 -9.84
N THR A 111 -29.59 6.25 -10.62
CA THR A 111 -29.94 6.88 -11.89
C THR A 111 -29.83 5.90 -13.06
N ASN A 112 -29.08 4.82 -12.86
CA ASN A 112 -28.77 3.79 -13.87
C ASN A 112 -27.74 4.22 -14.91
N LYS A 113 -28.07 5.20 -15.74
CA LYS A 113 -27.15 5.67 -16.76
C LYS A 113 -27.37 7.16 -16.99
N TYR A 114 -26.42 7.82 -17.65
CA TYR A 114 -26.52 9.27 -17.84
C TYR A 114 -26.60 9.68 -19.28
N THR A 115 -27.13 10.87 -19.52
CA THR A 115 -27.11 11.42 -20.86
C THR A 115 -25.68 11.84 -21.20
N GLU A 116 -25.41 12.05 -22.48
CA GLU A 116 -24.10 12.51 -22.89
C GLU A 116 -23.77 13.92 -22.39
N ARG A 117 -24.76 14.80 -22.31
CA ARG A 117 -24.52 16.16 -21.82
C ARG A 117 -24.04 16.02 -20.35
N ASP A 118 -24.72 15.17 -19.58
CA ASP A 118 -24.39 14.94 -18.16
C ASP A 118 -23.06 14.22 -17.93
N ALA A 119 -22.81 13.17 -18.69
CA ALA A 119 -21.58 12.40 -18.53
C ALA A 119 -20.34 13.19 -18.92
N SER A 120 -20.44 13.98 -19.99
CA SER A 120 -19.32 14.79 -20.43
C SER A 120 -19.00 15.86 -19.39
N GLY A 121 -20.03 16.40 -18.73
CA GLY A 121 -19.78 17.40 -17.71
C GLY A 121 -19.05 16.75 -16.55
N MET A 122 -19.45 15.54 -16.20
CA MET A 122 -18.76 14.83 -15.12
C MET A 122 -17.32 14.46 -15.51
N LEU A 123 -17.13 14.05 -16.74
CA LEU A 123 -15.80 13.75 -17.21
C LEU A 123 -14.93 15.01 -17.26
N TYR A 124 -15.52 16.13 -17.68
CA TYR A 124 -14.82 17.41 -17.69
C TYR A 124 -14.28 17.68 -16.28
N ASN A 125 -15.13 17.47 -15.27
CA ASN A 125 -14.75 17.64 -13.87
C ASN A 125 -13.59 16.76 -13.45
N LEU A 126 -13.71 15.48 -13.79
CA LEU A 126 -12.73 14.48 -13.40
C LEU A 126 -11.38 14.71 -14.06
N ALA A 127 -11.40 15.01 -15.35
CA ALA A 127 -10.18 15.25 -16.11
C ALA A 127 -9.48 16.51 -15.65
N SER A 128 -10.25 17.48 -15.15
CA SER A 128 -9.69 18.70 -14.56
C SER A 128 -8.86 18.35 -13.32
N ALA A 129 -9.44 17.53 -12.46
CA ALA A 129 -8.77 17.05 -11.25
C ALA A 129 -7.50 16.30 -11.61
N ILE A 130 -7.63 15.43 -12.60
CA ILE A 130 -6.51 14.61 -13.04
C ILE A 130 -5.40 15.43 -13.67
N LYS A 131 -5.78 16.38 -14.53
CA LYS A 131 -4.81 17.28 -15.15
C LYS A 131 -3.99 17.98 -14.09
N TYR A 132 -4.70 18.47 -13.07
CA TYR A 132 -4.05 19.15 -11.96
C TYR A 132 -3.09 18.21 -11.21
N LEU A 133 -3.56 17.02 -10.86
CA LEU A 133 -2.73 16.07 -10.13
C LEU A 133 -1.50 15.73 -10.95
N HIS A 134 -1.69 15.47 -12.23
CA HIS A 134 -0.58 15.10 -13.08
C HIS A 134 0.40 16.24 -13.26
N SER A 135 -0.08 17.47 -13.16
CA SER A 135 0.80 18.63 -13.23
C SER A 135 1.75 18.64 -12.02
N LEU A 136 1.32 18.00 -10.94
CA LEU A 136 2.12 17.86 -9.72
C LEU A 136 2.82 16.50 -9.65
N ASN A 137 2.75 15.72 -10.73
CA ASN A 137 3.38 14.41 -10.81
C ASN A 137 2.77 13.41 -9.83
N ILE A 138 1.50 13.61 -9.49
CA ILE A 138 0.79 12.72 -8.57
C ILE A 138 -0.14 11.78 -9.34
N VAL A 139 0.00 10.48 -9.11
CA VAL A 139 -0.92 9.52 -9.67
C VAL A 139 -1.91 9.10 -8.58
N HIS A 140 -3.19 9.07 -8.90
CA HIS A 140 -4.19 8.75 -7.88
C HIS A 140 -4.26 7.23 -7.66
N ARG A 141 -4.31 6.47 -8.75
CA ARG A 141 -4.32 5.00 -8.74
C ARG A 141 -5.55 4.35 -8.15
N ASP A 142 -6.54 5.14 -7.76
CA ASP A 142 -7.78 4.56 -7.23
C ASP A 142 -9.01 5.36 -7.69
N ILE A 143 -9.00 5.82 -8.93
CA ILE A 143 -10.13 6.55 -9.46
C ILE A 143 -11.26 5.59 -9.85
N LYS A 144 -12.41 5.77 -9.22
CA LYS A 144 -13.58 4.94 -9.47
C LYS A 144 -14.75 5.69 -8.81
N PRO A 145 -16.00 5.32 -9.15
CA PRO A 145 -17.17 6.06 -8.68
C PRO A 145 -17.27 6.18 -7.18
N GLU A 146 -16.87 5.14 -6.46
CA GLU A 146 -16.97 5.14 -5.03
C GLU A 146 -16.05 6.17 -4.35
N ASN A 147 -15.02 6.62 -5.07
CA ASN A 147 -14.10 7.64 -4.56
C ASN A 147 -14.42 8.99 -5.18
N LEU A 148 -15.58 9.11 -5.82
CA LEU A 148 -16.00 10.38 -6.38
C LEU A 148 -17.27 10.89 -5.73
N LEU A 149 -17.25 12.13 -5.26
CA LEU A 149 -18.41 12.70 -4.57
C LEU A 149 -19.19 13.70 -5.41
N VAL A 150 -20.51 13.71 -5.25
CA VAL A 150 -21.37 14.55 -6.08
C VAL A 150 -21.80 15.82 -5.37
N TYR A 151 -21.26 16.96 -5.82
CA TYR A 151 -21.60 18.24 -5.22
C TYR A 151 -22.85 18.71 -5.96
N GLU A 152 -23.89 19.11 -5.23
CA GLU A 152 -25.10 19.57 -5.89
C GLU A 152 -25.18 21.08 -5.78
N HIS A 153 -25.16 21.75 -6.93
CA HIS A 153 -25.21 23.22 -6.97
C HIS A 153 -26.52 23.94 -6.70
N GLN A 154 -26.35 25.22 -6.37
CA GLN A 154 -27.46 26.12 -6.14
C GLN A 154 -28.36 26.19 -7.40
N ASP A 155 -27.74 25.98 -8.57
CA ASP A 155 -28.48 26.04 -9.83
C ASP A 155 -29.14 24.73 -10.26
N GLY A 156 -28.92 23.68 -9.48
CA GLY A 156 -29.49 22.36 -9.74
C GLY A 156 -28.53 21.40 -10.43
N SER A 157 -27.46 21.98 -10.95
CA SER A 157 -26.37 21.25 -11.63
C SER A 157 -25.53 20.46 -10.65
N LYS A 158 -24.76 19.49 -11.14
CA LYS A 158 -23.96 18.67 -10.25
C LYS A 158 -22.50 18.71 -10.75
N SER A 159 -21.57 18.56 -9.81
CA SER A 159 -20.16 18.51 -10.12
C SER A 159 -19.50 17.41 -9.34
N LEU A 160 -18.45 16.82 -9.90
CA LEU A 160 -17.73 15.80 -9.17
C LEU A 160 -16.56 16.33 -8.38
N LYS A 161 -16.30 15.68 -7.24
CA LYS A 161 -15.13 15.98 -6.44
C LYS A 161 -14.44 14.65 -6.12
N LEU A 162 -13.15 14.59 -6.39
CA LEU A 162 -12.36 13.40 -6.13
C LEU A 162 -11.85 13.34 -4.68
N GLY A 163 -12.04 12.22 -4.00
CA GLY A 163 -11.52 12.08 -2.65
C GLY A 163 -10.63 10.87 -2.46
N ASP A 164 -10.37 10.50 -1.20
CA ASP A 164 -9.60 9.30 -0.84
C ASP A 164 -8.28 9.12 -1.59
N PHE A 165 -7.23 9.79 -1.12
CA PHE A 165 -5.92 9.71 -1.73
C PHE A 165 -5.04 8.61 -1.12
N GLY A 166 -5.67 7.56 -0.61
CA GLY A 166 -4.95 6.49 0.07
C GLY A 166 -3.95 5.68 -0.73
N LEU A 167 -4.13 5.53 -2.04
CA LEU A 167 -3.16 4.78 -2.83
C LEU A 167 -2.32 5.72 -3.69
N ALA A 168 -2.57 7.01 -3.56
CA ALA A 168 -1.92 8.04 -4.37
C ALA A 168 -0.43 8.12 -4.04
N THR A 169 0.39 8.43 -5.06
CA THR A 169 1.81 8.66 -4.84
C THR A 169 2.37 9.58 -5.93
N ILE A 170 3.67 9.90 -5.81
CA ILE A 170 4.39 10.71 -6.79
C ILE A 170 5.10 9.82 -7.80
N VAL A 171 5.00 10.16 -9.08
CA VAL A 171 5.67 9.42 -10.15
C VAL A 171 7.02 10.08 -10.55
N ASP A 172 8.11 9.37 -10.29
CA ASP A 172 9.46 9.75 -10.67
C ASP A 172 10.18 8.51 -11.19
N GLY A 173 9.83 8.13 -12.41
CA GLY A 173 10.26 6.86 -12.99
C GLY A 173 9.12 5.89 -12.83
N PRO A 174 9.19 4.74 -13.51
CA PRO A 174 8.07 3.79 -13.46
C PRO A 174 7.76 3.20 -12.09
N LEU A 175 6.46 3.03 -11.84
CA LEU A 175 5.97 2.39 -10.63
C LEU A 175 5.60 0.95 -10.96
N TYR A 176 5.61 0.07 -9.97
CA TYR A 176 5.30 -1.33 -10.25
C TYR A 176 4.29 -1.98 -9.32
N THR A 177 3.97 -1.33 -8.21
CA THR A 177 3.03 -1.89 -7.25
C THR A 177 1.69 -2.20 -7.89
N VAL A 178 1.30 -3.47 -7.80
CA VAL A 178 0.01 -3.92 -8.32
C VAL A 178 -1.07 -3.55 -7.29
N CYS A 179 -1.97 -2.64 -7.65
CA CYS A 179 -3.01 -2.19 -6.73
C CYS A 179 -4.22 -1.63 -7.48
N GLY A 180 -5.37 -1.56 -6.81
CA GLY A 180 -6.56 -0.99 -7.42
C GLY A 180 -7.76 -1.91 -7.46
N THR A 181 -8.79 -1.47 -8.17
CA THR A 181 -10.00 -2.26 -8.29
C THR A 181 -9.97 -2.85 -9.69
N PRO A 182 -10.15 -4.17 -9.79
CA PRO A 182 -10.04 -4.91 -11.06
C PRO A 182 -10.81 -4.28 -12.23
N THR A 183 -12.01 -3.78 -11.99
CA THR A 183 -12.81 -3.20 -13.06
C THR A 183 -12.09 -1.99 -13.67
N TYR A 184 -11.40 -1.22 -12.83
CA TYR A 184 -10.82 0.07 -13.23
C TYR A 184 -9.31 0.03 -13.50
N VAL A 185 -8.66 -1.08 -13.19
CA VAL A 185 -7.20 -1.17 -13.25
C VAL A 185 -6.67 -1.24 -14.68
N ALA A 186 -5.65 -0.42 -14.96
CA ALA A 186 -4.98 -0.33 -16.28
C ALA A 186 -4.16 -1.57 -16.62
N PRO A 187 -4.08 -1.93 -17.91
CA PRO A 187 -3.35 -3.15 -18.30
C PRO A 187 -1.87 -3.22 -17.88
N GLU A 188 -1.13 -2.11 -17.97
CA GLU A 188 0.27 -2.11 -17.58
C GLU A 188 0.48 -2.43 -16.11
N ILE A 189 -0.50 -2.09 -15.30
CA ILE A 189 -0.47 -2.42 -13.89
C ILE A 189 -0.52 -3.94 -13.81
N ILE A 190 -1.48 -4.55 -14.50
CA ILE A 190 -1.64 -5.99 -14.50
C ILE A 190 -0.42 -6.70 -15.19
N ALA A 191 0.14 -6.06 -16.21
CA ALA A 191 1.25 -6.63 -16.99
C ALA A 191 2.58 -6.63 -16.25
N GLU A 192 2.66 -5.78 -15.23
CA GLU A 192 3.83 -5.62 -14.36
C GLU A 192 5.06 -5.17 -15.14
N THR A 193 4.86 -4.39 -16.18
CA THR A 193 5.94 -3.86 -17.01
C THR A 193 6.30 -2.42 -16.67
N GLY A 194 5.68 -1.85 -15.66
CA GLY A 194 5.99 -0.48 -15.28
C GLY A 194 4.90 0.48 -15.70
N TYR A 195 4.46 1.36 -14.80
CA TYR A 195 3.38 2.29 -15.13
C TYR A 195 3.60 3.69 -14.57
N GLY A 196 2.77 4.63 -15.04
CA GLY A 196 2.86 6.00 -14.56
C GLY A 196 1.51 6.71 -14.49
N LEU A 197 1.52 8.02 -14.77
CA LEU A 197 0.33 8.86 -14.59
C LEU A 197 -0.91 8.44 -15.36
N LYS A 198 -0.72 7.95 -16.57
CA LYS A 198 -1.86 7.67 -17.44
C LYS A 198 -2.75 6.48 -17.02
N VAL A 199 -2.41 5.80 -15.94
CA VAL A 199 -3.33 4.78 -15.45
C VAL A 199 -4.64 5.45 -15.01
N ASP A 200 -4.56 6.71 -14.61
CA ASP A 200 -5.74 7.47 -14.18
C ASP A 200 -6.68 7.75 -15.36
N ILE A 201 -6.10 7.95 -16.55
CA ILE A 201 -6.91 8.19 -17.75
C ILE A 201 -7.67 6.92 -18.08
N TRP A 202 -6.99 5.78 -18.01
CA TRP A 202 -7.65 4.51 -18.24
C TRP A 202 -8.86 4.37 -17.32
N ALA A 203 -8.66 4.65 -16.03
CA ALA A 203 -9.75 4.59 -15.05
C ALA A 203 -10.92 5.51 -15.43
N ALA A 204 -10.60 6.73 -15.84
CA ALA A 204 -11.59 7.71 -16.24
C ALA A 204 -12.35 7.21 -17.47
N GLY A 205 -11.64 6.52 -18.36
CA GLY A 205 -12.28 5.93 -19.53
C GLY A 205 -13.33 4.89 -19.16
N VAL A 206 -13.00 4.03 -18.21
CA VAL A 206 -13.89 3.00 -17.73
C VAL A 206 -15.11 3.66 -17.10
N ILE A 207 -14.88 4.68 -16.29
CA ILE A 207 -15.99 5.40 -15.67
C ILE A 207 -16.93 6.01 -16.72
N THR A 208 -16.36 6.68 -17.72
CA THR A 208 -17.18 7.34 -18.75
C THR A 208 -18.03 6.31 -19.49
N TYR A 209 -17.44 5.15 -19.75
CA TYR A 209 -18.14 4.04 -20.40
C TYR A 209 -19.34 3.64 -19.57
N ILE A 210 -19.13 3.47 -18.26
CA ILE A 210 -20.21 3.08 -17.35
C ILE A 210 -21.31 4.14 -17.32
N LEU A 211 -20.93 5.40 -17.30
CA LEU A 211 -21.88 6.49 -17.25
C LEU A 211 -22.88 6.45 -18.41
N LEU A 212 -22.43 6.09 -19.61
CA LEU A 212 -23.29 6.14 -20.79
C LEU A 212 -24.19 4.93 -21.02
N CYS A 213 -23.82 3.77 -20.46
CA CYS A 213 -24.58 2.56 -20.70
C CYS A 213 -24.96 1.78 -19.44
N GLY A 214 -24.31 2.10 -18.32
CA GLY A 214 -24.59 1.41 -17.07
C GLY A 214 -23.79 0.17 -16.72
N PHE A 215 -22.91 -0.27 -17.61
CA PHE A 215 -22.09 -1.44 -17.31
C PHE A 215 -20.64 -1.19 -17.79
N PRO A 216 -19.67 -1.89 -17.17
CA PRO A 216 -18.27 -1.66 -17.53
C PRO A 216 -17.89 -2.34 -18.84
N PRO A 217 -16.80 -1.89 -19.48
CA PRO A 217 -16.38 -2.45 -20.76
C PRO A 217 -15.74 -3.83 -20.62
N PHE A 218 -15.15 -4.11 -19.47
CA PHE A 218 -14.52 -5.40 -19.24
C PHE A 218 -15.23 -6.00 -18.05
N ARG A 219 -16.04 -7.02 -18.27
CA ARG A 219 -16.84 -7.53 -17.16
C ARG A 219 -16.37 -8.90 -16.72
N GLY A 220 -15.58 -9.57 -17.57
CA GLY A 220 -15.06 -10.89 -17.25
C GLY A 220 -16.09 -12.00 -17.16
N SER A 221 -15.75 -13.02 -16.37
CA SER A 221 -16.60 -14.21 -16.21
C SER A 221 -16.69 -14.59 -14.74
N ASP A 224 -13.97 -16.64 -11.60
CA ASP A 224 -12.68 -16.59 -12.29
C ASP A 224 -12.25 -15.18 -12.63
N GLN A 225 -11.23 -14.70 -11.91
CA GLN A 225 -10.71 -13.34 -12.09
C GLN A 225 -9.64 -13.32 -13.18
N GLU A 226 -9.47 -14.47 -13.83
CA GLU A 226 -8.54 -14.70 -14.93
C GLU A 226 -9.06 -14.10 -16.23
N VAL A 227 -10.34 -14.35 -16.51
CA VAL A 227 -10.94 -13.83 -17.72
C VAL A 227 -10.96 -12.30 -17.71
N LEU A 228 -11.24 -11.72 -16.55
CA LEU A 228 -11.23 -10.27 -16.39
C LEU A 228 -9.90 -9.60 -16.76
N PHE A 229 -8.81 -10.12 -16.21
CA PHE A 229 -7.48 -9.59 -16.44
C PHE A 229 -6.99 -9.71 -17.88
N ASP A 230 -7.34 -10.82 -18.53
CA ASP A 230 -7.03 -11.02 -19.95
C ASP A 230 -7.76 -10.02 -20.83
N GLN A 231 -9.02 -9.75 -20.51
CA GLN A 231 -9.82 -8.79 -21.25
C GLN A 231 -9.17 -7.43 -21.18
N ILE A 232 -8.72 -7.04 -19.99
CA ILE A 232 -8.08 -5.75 -19.80
C ILE A 232 -6.75 -5.67 -20.57
N LEU A 233 -5.94 -6.72 -20.48
CA LEU A 233 -4.65 -6.73 -21.16
C LEU A 233 -4.80 -6.66 -22.66
N MET A 234 -5.89 -7.23 -23.16
CA MET A 234 -6.17 -7.25 -24.57
C MET A 234 -6.89 -5.99 -24.98
N GLY A 235 -7.57 -5.37 -24.02
CA GLY A 235 -8.23 -4.10 -24.27
C GLY A 235 -9.29 -4.06 -25.36
N GLN A 236 -10.07 -5.12 -25.58
CA GLN A 236 -11.03 -4.93 -26.65
C GLN A 236 -12.30 -4.29 -26.13
N VAL A 237 -12.45 -3.02 -26.51
CA VAL A 237 -13.59 -2.20 -26.14
C VAL A 237 -14.73 -2.30 -27.15
N ASP A 238 -15.86 -2.84 -26.75
CA ASP A 238 -17.03 -2.92 -27.62
C ASP A 238 -18.10 -1.89 -27.26
N PHE A 239 -18.89 -1.47 -28.25
CA PHE A 239 -20.02 -0.60 -27.94
C PHE A 239 -21.27 -1.31 -28.47
N PRO A 240 -21.74 -2.32 -27.71
CA PRO A 240 -22.79 -3.25 -28.12
C PRO A 240 -24.19 -2.68 -28.31
N SER A 241 -24.89 -3.25 -29.29
CA SER A 241 -26.27 -2.93 -29.61
C SER A 241 -27.14 -3.73 -28.65
N PRO A 242 -28.29 -3.18 -28.23
CA PRO A 242 -28.84 -1.87 -28.58
C PRO A 242 -28.33 -0.73 -27.68
N TYR A 243 -27.70 -1.09 -26.57
CA TYR A 243 -27.23 -0.17 -25.53
C TYR A 243 -26.51 1.11 -25.99
N TRP A 244 -25.64 0.98 -26.98
CA TRP A 244 -24.82 2.09 -27.47
C TRP A 244 -25.29 2.69 -28.81
N ASP A 245 -26.45 2.24 -29.32
CA ASP A 245 -26.90 2.67 -30.65
C ASP A 245 -27.18 4.15 -30.79
N ASN A 246 -27.75 4.76 -29.76
CA ASN A 246 -28.09 6.17 -29.77
C ASN A 246 -26.98 7.09 -29.24
N VAL A 247 -25.83 6.50 -28.90
CA VAL A 247 -24.70 7.28 -28.40
C VAL A 247 -23.83 7.77 -29.57
N SER A 248 -23.40 9.02 -29.49
CA SER A 248 -22.64 9.64 -30.57
C SER A 248 -21.30 8.97 -30.81
N ASP A 249 -20.85 9.09 -32.05
CA ASP A 249 -19.53 8.65 -32.48
C ASP A 249 -18.44 9.40 -31.73
N SER A 250 -18.69 10.67 -31.42
CA SER A 250 -17.72 11.49 -30.70
C SER A 250 -17.41 10.90 -29.34
N ALA A 251 -18.44 10.48 -28.63
CA ALA A 251 -18.28 9.86 -27.31
C ALA A 251 -17.48 8.54 -27.40
N LYS A 252 -17.81 7.74 -28.41
CA LYS A 252 -17.16 6.43 -28.62
C LYS A 252 -15.69 6.61 -28.94
N GLU A 253 -15.37 7.64 -29.74
CA GLU A 253 -14.00 7.91 -30.12
C GLU A 253 -13.14 8.31 -28.92
N LEU A 254 -13.68 9.19 -28.09
CA LEU A 254 -12.98 9.65 -26.88
C LEU A 254 -12.72 8.53 -25.90
N ILE A 255 -13.75 7.72 -25.61
CA ILE A 255 -13.59 6.62 -24.69
C ILE A 255 -12.51 5.66 -25.21
N THR A 256 -12.51 5.43 -26.52
CA THR A 256 -11.53 4.59 -27.19
C THR A 256 -10.12 5.10 -26.96
N MET A 257 -9.91 6.39 -27.11
CA MET A 257 -8.60 6.97 -26.90
C MET A 257 -8.11 6.89 -25.45
N MET A 258 -9.05 6.85 -24.51
CA MET A 258 -8.72 6.75 -23.08
C MET A 258 -8.38 5.32 -22.71
N LEU A 259 -8.87 4.39 -23.51
CA LEU A 259 -8.70 2.97 -23.22
C LEU A 259 -7.74 2.27 -24.18
N LEU A 260 -6.71 2.99 -24.62
CA LEU A 260 -5.69 2.35 -25.45
C LEU A 260 -4.64 1.62 -24.62
N VAL A 261 -4.32 0.41 -25.04
CA VAL A 261 -3.30 -0.38 -24.37
C VAL A 261 -1.94 0.31 -24.55
N ASP A 262 -1.71 0.88 -25.73
CA ASP A 262 -0.47 1.59 -25.98
C ASP A 262 -0.46 2.90 -25.18
N VAL A 263 0.35 2.91 -24.13
CA VAL A 263 0.40 4.03 -23.20
C VAL A 263 0.78 5.36 -23.85
N ASP A 264 1.67 5.31 -24.83
CA ASP A 264 2.10 6.53 -25.50
C ASP A 264 1.01 7.13 -26.37
N GLN A 265 0.13 6.28 -26.89
CA GLN A 265 -1.00 6.74 -27.67
C GLN A 265 -2.18 7.17 -26.81
N ARG A 266 -2.39 6.49 -25.69
CA ARG A 266 -3.47 6.83 -24.77
C ARG A 266 -3.44 8.32 -24.43
N PHE A 267 -4.61 8.95 -24.38
CA PHE A 267 -4.71 10.36 -24.05
C PHE A 267 -4.17 10.76 -22.70
N SER A 268 -3.58 11.94 -22.65
CA SER A 268 -3.31 12.60 -21.39
C SER A 268 -4.62 13.25 -20.93
N ALA A 269 -4.64 13.77 -19.72
CA ALA A 269 -5.79 14.49 -19.22
C ALA A 269 -6.06 15.76 -20.03
N VAL A 270 -4.98 16.42 -20.47
CA VAL A 270 -5.09 17.61 -21.29
C VAL A 270 -5.80 17.28 -22.58
N GLN A 271 -5.42 16.17 -23.20
CA GLN A 271 -6.04 15.71 -24.43
C GLN A 271 -7.52 15.38 -24.21
N VAL A 272 -7.87 14.83 -23.06
CA VAL A 272 -9.27 14.56 -22.75
C VAL A 272 -10.03 15.89 -22.73
N LEU A 273 -9.52 16.88 -22.01
CA LEU A 273 -10.19 18.18 -21.90
C LEU A 273 -10.29 18.95 -23.23
N GLU A 274 -9.42 18.66 -24.18
CA GLU A 274 -9.41 19.35 -25.47
C GLU A 274 -10.34 18.71 -26.50
N HIS A 275 -10.82 17.51 -26.20
CA HIS A 275 -11.68 16.75 -27.11
C HIS A 275 -13.05 17.43 -27.23
N PRO A 276 -13.60 17.52 -28.45
CA PRO A 276 -14.89 18.17 -28.67
C PRO A 276 -16.05 17.67 -27.81
N TRP A 277 -16.04 16.40 -27.41
CA TRP A 277 -17.14 15.86 -26.62
C TRP A 277 -17.31 16.49 -25.23
N VAL A 278 -16.20 16.95 -24.64
CA VAL A 278 -16.22 17.53 -23.30
C VAL A 278 -16.24 19.06 -23.32
N ASN A 279 -16.39 19.65 -24.50
CA ASN A 279 -16.42 21.10 -24.65
C ASN A 279 -17.78 21.60 -25.10
N PHE B 11 -13.43 -18.70 7.50
CA PHE B 11 -13.03 -18.84 6.10
C PHE B 11 -13.56 -20.07 5.41
N GLN B 12 -14.09 -19.88 4.21
CA GLN B 12 -14.54 -21.00 3.41
C GLN B 12 -13.38 -21.49 2.54
N ILE B 13 -12.55 -22.35 3.14
CA ILE B 13 -11.37 -22.92 2.49
C ILE B 13 -11.80 -23.68 1.23
N PRO B 14 -11.24 -23.31 0.07
CA PRO B 14 -11.59 -23.97 -1.19
C PRO B 14 -11.31 -25.47 -1.13
N ALA B 15 -12.14 -26.23 -1.84
CA ALA B 15 -12.08 -27.69 -1.88
C ALA B 15 -10.70 -28.21 -2.28
N THR B 16 -10.07 -27.57 -3.25
CA THR B 16 -8.77 -27.99 -3.73
C THR B 16 -7.69 -27.92 -2.64
N ILE B 17 -7.81 -26.96 -1.73
CA ILE B 17 -6.85 -26.84 -0.63
C ILE B 17 -7.09 -27.96 0.38
N THR B 18 -8.33 -28.09 0.83
CA THR B 18 -8.69 -29.11 1.83
C THR B 18 -8.51 -30.53 1.29
N GLU B 19 -8.64 -30.67 -0.03
CA GLU B 19 -8.45 -31.95 -0.72
C GLU B 19 -7.04 -32.52 -0.55
N ARG B 20 -6.00 -31.69 -0.69
CA ARG B 20 -4.62 -32.19 -0.65
C ARG B 20 -3.91 -31.92 0.69
N TYR B 21 -4.46 -31.01 1.50
CA TYR B 21 -3.84 -30.66 2.77
C TYR B 21 -4.79 -30.80 3.96
N LYS B 22 -4.25 -31.26 5.08
CA LYS B 22 -4.97 -31.32 6.34
C LYS B 22 -4.63 -30.07 7.15
N VAL B 23 -5.58 -29.14 7.26
CA VAL B 23 -5.38 -27.86 7.94
C VAL B 23 -5.37 -28.01 9.47
N GLY B 24 -4.31 -27.45 10.06
CA GLY B 24 -4.03 -27.48 11.49
C GLY B 24 -4.24 -26.20 12.29
N ARG B 25 -3.48 -26.06 13.39
CA ARG B 25 -3.69 -24.92 14.26
C ARG B 25 -3.25 -23.58 13.68
N THR B 26 -3.92 -22.53 14.16
CA THR B 26 -3.62 -21.14 13.85
C THR B 26 -2.32 -20.70 14.51
N ILE B 27 -1.35 -20.19 13.74
CA ILE B 27 -0.06 -19.79 14.31
C ILE B 27 0.07 -18.26 14.33
N GLY B 28 -0.86 -17.56 13.68
CA GLY B 28 -0.85 -16.11 13.70
C GLY B 28 -2.19 -15.67 13.16
N ASP B 29 -2.57 -14.44 13.48
CA ASP B 29 -3.83 -13.84 13.06
C ASP B 29 -3.67 -12.32 12.97
N GLY B 30 -4.21 -11.68 11.95
CA GLY B 30 -4.08 -10.23 11.89
C GLY B 30 -5.20 -9.53 11.15
N ASN B 31 -5.03 -8.22 10.98
CA ASN B 31 -6.02 -7.45 10.27
C ASN B 31 -6.03 -7.93 8.82
N PHE B 32 -4.88 -8.33 8.28
CA PHE B 32 -4.90 -8.65 6.87
C PHE B 32 -4.64 -10.13 6.58
N ALA B 33 -3.96 -10.87 7.47
CA ALA B 33 -3.69 -12.25 7.11
C ALA B 33 -4.02 -13.22 8.24
N VAL B 34 -4.37 -14.46 7.92
CA VAL B 34 -4.49 -15.51 8.93
C VAL B 34 -3.52 -16.64 8.58
N VAL B 35 -2.65 -17.07 9.49
CA VAL B 35 -1.72 -18.13 9.13
C VAL B 35 -1.96 -19.41 9.93
N LYS B 36 -2.12 -20.54 9.26
CA LYS B 36 -2.35 -21.81 9.94
C LYS B 36 -1.29 -22.83 9.57
N GLU B 37 -1.05 -23.78 10.47
CA GLU B 37 -0.21 -24.92 10.18
C GLU B 37 -1.01 -25.88 9.30
N CYS B 38 -0.37 -26.56 8.36
CA CYS B 38 -1.10 -27.55 7.60
C CYS B 38 -0.19 -28.68 7.14
N VAL B 39 -0.78 -29.83 6.81
CA VAL B 39 0.03 -30.98 6.45
C VAL B 39 -0.43 -31.56 5.11
N GLU B 40 0.47 -31.68 4.16
CA GLU B 40 0.09 -32.33 2.92
C GLU B 40 -0.11 -33.90 3.09
N ARG B 41 -1.35 -34.34 2.94
CA ARG B 41 -1.72 -35.73 3.15
C ARG B 41 -0.87 -36.74 2.40
N SER B 42 -0.63 -36.50 1.10
CA SER B 42 0.12 -37.47 0.31
C SER B 42 1.58 -37.66 0.79
N THR B 43 2.19 -36.61 1.35
CA THR B 43 3.62 -36.70 1.70
C THR B 43 3.90 -36.60 3.18
N ALA B 44 2.92 -36.12 3.94
CA ALA B 44 3.04 -35.83 5.38
C ALA B 44 3.99 -34.66 5.70
N ARG B 45 4.44 -33.95 4.68
CA ARG B 45 5.32 -32.79 4.82
C ARG B 45 4.52 -31.63 5.41
N GLU B 46 5.12 -30.86 6.33
CA GLU B 46 4.44 -29.72 6.97
C GLU B 46 4.64 -28.42 6.22
N TYR B 47 3.57 -27.63 6.15
CA TYR B 47 3.62 -26.33 5.48
C TYR B 47 2.86 -25.27 6.26
N ALA B 48 3.00 -24.01 5.88
CA ALA B 48 2.19 -22.95 6.49
C ALA B 48 1.12 -22.55 5.49
N LEU B 49 -0.10 -22.28 5.94
CA LEU B 49 -1.13 -21.80 5.01
C LEU B 49 -1.52 -20.38 5.40
N LYS B 50 -1.10 -19.44 4.57
CA LYS B 50 -1.40 -18.05 4.82
C LYS B 50 -2.64 -17.60 4.05
N ILE B 51 -3.62 -17.08 4.78
CA ILE B 51 -4.86 -16.69 4.13
C ILE B 51 -4.92 -15.17 4.20
N ILE B 52 -4.85 -14.55 3.03
CA ILE B 52 -4.85 -13.11 2.95
C ILE B 52 -6.23 -12.68 2.50
N LYS B 53 -6.88 -11.92 3.38
CA LYS B 53 -8.19 -11.35 3.15
C LYS B 53 -8.08 -10.11 2.26
N LYS B 54 -8.63 -10.18 1.05
CA LYS B 54 -8.53 -9.06 0.12
C LYS B 54 -9.39 -7.96 0.75
N SER B 55 -9.03 -6.72 0.49
CA SER B 55 -9.71 -5.55 1.03
C SER B 55 -11.04 -5.36 0.31
N LYS B 56 -12.17 -5.32 1.01
CA LYS B 56 -13.38 -5.15 0.22
C LYS B 56 -13.67 -3.67 -0.05
N CYS B 57 -14.16 -3.41 -1.26
CA CYS B 57 -14.62 -2.10 -1.69
C CYS B 57 -16.14 -2.20 -1.82
N ARG B 58 -16.79 -1.12 -2.24
CA ARG B 58 -18.21 -1.20 -2.57
C ARG B 58 -18.58 -1.88 -3.87
N GLY B 59 -19.65 -2.64 -3.73
CA GLY B 59 -20.21 -3.54 -4.72
C GLY B 59 -19.59 -4.87 -4.37
N LYS B 60 -19.69 -5.82 -5.29
CA LYS B 60 -19.20 -7.14 -5.00
C LYS B 60 -17.78 -7.30 -5.53
N GLU B 61 -16.88 -6.41 -5.13
CA GLU B 61 -15.52 -6.49 -5.64
C GLU B 61 -14.50 -6.27 -4.57
N HIS B 62 -13.34 -6.88 -4.78
CA HIS B 62 -12.24 -6.71 -3.87
C HIS B 62 -11.01 -6.12 -4.54
N MET B 63 -10.22 -5.38 -3.77
CA MET B 63 -9.00 -4.75 -4.25
C MET B 63 -7.92 -5.78 -4.56
N ILE B 64 -7.03 -5.43 -5.48
CA ILE B 64 -5.96 -6.30 -5.97
C ILE B 64 -4.69 -6.28 -5.11
N GLN B 65 -3.90 -7.37 -5.15
CA GLN B 65 -2.73 -7.48 -4.28
C GLN B 65 -1.37 -7.53 -4.94
N ASN B 66 -0.37 -7.15 -4.15
CA ASN B 66 1.00 -7.09 -4.62
C ASN B 66 1.95 -8.19 -4.17
N GLU B 67 1.71 -8.74 -2.99
CA GLU B 67 2.62 -9.72 -2.39
C GLU B 67 3.10 -10.82 -3.34
N VAL B 68 2.15 -11.49 -4.00
CA VAL B 68 2.46 -12.59 -4.91
C VAL B 68 3.33 -12.22 -6.10
N SER B 69 3.15 -11.02 -6.61
CA SER B 69 3.95 -10.55 -7.74
C SER B 69 5.43 -10.61 -7.37
N ILE B 70 5.72 -10.28 -6.11
CA ILE B 70 7.09 -10.30 -5.63
C ILE B 70 7.52 -11.72 -5.24
N LEU B 71 6.67 -12.44 -4.50
CA LEU B 71 7.03 -13.79 -4.06
C LEU B 71 7.37 -14.70 -5.23
N ARG B 72 6.61 -14.58 -6.33
CA ARG B 72 6.87 -15.38 -7.50
C ARG B 72 8.29 -15.19 -8.03
N ARG B 73 8.86 -14.00 -7.82
CA ARG B 73 10.18 -13.68 -8.35
C ARG B 73 11.37 -14.13 -7.48
N VAL B 74 11.15 -14.16 -6.17
CA VAL B 74 12.23 -14.32 -5.19
C VAL B 74 12.46 -15.77 -4.76
N LYS B 75 13.69 -16.23 -4.95
CA LYS B 75 14.09 -17.59 -4.55
C LYS B 75 15.51 -17.50 -3.96
N HIS B 76 15.62 -17.62 -2.63
CA HIS B 76 16.89 -17.47 -1.91
C HIS B 76 16.81 -18.23 -0.57
N PRO B 77 17.93 -18.85 -0.13
CA PRO B 77 17.90 -19.64 1.12
C PRO B 77 17.52 -18.86 2.38
N ASN B 78 17.74 -17.55 2.37
CA ASN B 78 17.38 -16.70 3.50
C ASN B 78 16.04 -16.01 3.23
N ILE B 79 15.25 -16.58 2.34
CA ILE B 79 13.90 -16.10 2.04
C ILE B 79 12.93 -17.29 2.12
N VAL B 80 11.79 -17.04 2.76
CA VAL B 80 10.73 -18.01 2.91
C VAL B 80 10.22 -18.42 1.56
N LEU B 81 10.22 -19.71 1.31
CA LEU B 81 9.80 -20.23 0.03
C LEU B 81 8.28 -20.29 -0.16
N LEU B 82 7.83 -19.87 -1.34
CA LEU B 82 6.44 -20.04 -1.76
C LEU B 82 6.26 -21.40 -2.48
N ILE B 83 5.29 -22.20 -2.05
CA ILE B 83 5.04 -23.50 -2.68
C ILE B 83 3.96 -23.42 -3.77
N GLU B 84 2.79 -22.91 -3.43
CA GLU B 84 1.72 -22.73 -4.41
C GLU B 84 0.79 -21.61 -3.96
N GLU B 85 -0.01 -21.11 -4.89
CA GLU B 85 -0.91 -20.01 -4.64
C GLU B 85 -2.28 -20.36 -5.19
N MET B 86 -3.30 -19.89 -4.49
CA MET B 86 -4.69 -20.11 -4.83
C MET B 86 -5.45 -18.83 -4.62
N ASP B 87 -5.90 -18.23 -5.71
CA ASP B 87 -6.68 -16.99 -5.65
C ASP B 87 -8.18 -17.24 -5.76
N VAL B 88 -8.96 -16.76 -4.80
CA VAL B 88 -10.40 -16.87 -4.88
C VAL B 88 -10.89 -15.43 -4.84
N PRO B 89 -12.14 -15.17 -5.28
CA PRO B 89 -12.61 -13.79 -5.36
C PRO B 89 -12.42 -12.98 -4.06
N THR B 90 -12.67 -13.58 -2.90
CA THR B 90 -12.61 -12.84 -1.64
C THR B 90 -11.28 -12.84 -0.88
N GLU B 91 -10.46 -13.86 -1.07
CA GLU B 91 -9.18 -13.95 -0.36
C GLU B 91 -8.12 -14.66 -1.21
N LEU B 92 -6.88 -14.58 -0.75
CA LEU B 92 -5.76 -15.21 -1.43
C LEU B 92 -5.08 -16.23 -0.53
N TYR B 93 -4.87 -17.44 -1.06
CA TYR B 93 -4.27 -18.52 -0.30
C TYR B 93 -2.84 -18.80 -0.73
N LEU B 94 -1.92 -18.78 0.23
CA LEU B 94 -0.52 -19.05 -0.06
C LEU B 94 0.00 -20.21 0.79
N VAL B 95 0.47 -21.26 0.12
CA VAL B 95 1.11 -22.39 0.80
C VAL B 95 2.60 -22.08 0.84
N MET B 96 3.16 -22.00 2.04
CA MET B 96 4.56 -21.63 2.17
C MET B 96 5.30 -22.60 3.08
N GLU B 97 6.63 -22.66 2.94
CA GLU B 97 7.43 -23.51 3.82
C GLU B 97 7.19 -23.12 5.28
N LEU B 98 7.00 -24.12 6.13
CA LEU B 98 6.79 -23.82 7.54
C LEU B 98 8.18 -23.76 8.18
N VAL B 99 8.41 -22.69 8.95
CA VAL B 99 9.66 -22.49 9.69
C VAL B 99 9.32 -22.62 11.17
N LYS B 100 9.69 -23.77 11.73
CA LYS B 100 9.32 -24.17 13.09
C LYS B 100 9.87 -23.29 14.23
N GLY B 101 10.98 -22.59 14.02
CA GLY B 101 11.53 -21.78 15.10
C GLY B 101 10.78 -20.50 15.44
N GLY B 102 9.69 -20.24 14.73
CA GLY B 102 8.89 -19.05 14.97
C GLY B 102 9.53 -17.79 14.42
N ASP B 103 9.10 -16.64 14.90
CA ASP B 103 9.64 -15.39 14.37
C ASP B 103 10.66 -14.73 15.31
N LEU B 104 11.38 -13.77 14.76
CA LEU B 104 12.43 -13.07 15.48
C LEU B 104 11.88 -12.12 16.55
N PHE B 105 10.64 -11.68 16.38
CA PHE B 105 10.01 -10.85 17.38
C PHE B 105 9.91 -11.65 18.68
N ASP B 106 9.42 -12.89 18.61
CA ASP B 106 9.31 -13.70 19.82
C ASP B 106 10.69 -14.03 20.32
N ALA B 107 11.64 -14.21 19.42
CA ALA B 107 12.99 -14.49 19.87
C ALA B 107 13.63 -13.33 20.64
N ILE B 108 13.53 -12.12 20.09
CA ILE B 108 14.08 -10.91 20.74
C ILE B 108 13.44 -10.55 22.09
N THR B 109 12.11 -10.69 22.15
CA THR B 109 11.29 -10.42 23.34
C THR B 109 11.59 -11.45 24.45
N SER B 110 11.88 -12.70 24.08
CA SER B 110 12.18 -13.78 25.02
C SER B 110 13.56 -13.56 25.64
N THR B 111 14.53 -13.20 24.83
CA THR B 111 15.89 -13.06 25.32
C THR B 111 16.13 -11.60 25.77
N ASN B 112 17.32 -11.32 26.26
CA ASN B 112 17.69 -10.00 26.77
C ASN B 112 18.44 -9.33 25.63
N LYS B 113 19.59 -9.93 25.30
CA LYS B 113 20.51 -9.49 24.26
C LYS B 113 21.23 -10.69 23.61
N TYR B 114 21.90 -10.49 22.48
CA TYR B 114 22.55 -11.62 21.78
C TYR B 114 24.05 -11.35 21.80
N THR B 115 24.84 -12.40 21.68
CA THR B 115 26.28 -12.25 21.55
C THR B 115 26.69 -11.70 20.19
N GLU B 116 27.91 -11.21 20.09
CA GLU B 116 28.37 -10.74 18.80
C GLU B 116 28.45 -11.88 17.82
N ARG B 117 28.80 -13.08 18.27
CA ARG B 117 28.86 -14.21 17.35
C ARG B 117 27.49 -14.49 16.76
N ASP B 118 26.48 -14.54 17.60
CA ASP B 118 25.12 -14.81 17.16
C ASP B 118 24.53 -13.68 16.31
N ALA B 119 24.73 -12.45 16.76
CA ALA B 119 24.20 -11.30 16.06
C ALA B 119 24.85 -11.09 14.68
N SER B 120 26.16 -11.32 14.57
CA SER B 120 26.81 -11.14 13.29
C SER B 120 26.33 -12.17 12.27
N GLY B 121 26.08 -13.39 12.72
CA GLY B 121 25.57 -14.41 11.83
C GLY B 121 24.17 -14.11 11.34
N MET B 122 23.32 -13.60 12.22
CA MET B 122 21.97 -13.24 11.83
C MET B 122 22.00 -12.09 10.87
N LEU B 123 22.88 -11.13 11.12
CA LEU B 123 23.01 -10.03 10.19
C LEU B 123 23.55 -10.51 8.86
N TYR B 124 24.50 -11.44 8.91
CA TYR B 124 25.05 -12.02 7.68
C TYR B 124 23.87 -12.58 6.87
N ASN B 125 22.96 -13.29 7.53
CA ASN B 125 21.77 -13.84 6.86
C ASN B 125 20.89 -12.78 6.24
N LEU B 126 20.58 -11.75 7.03
CA LEU B 126 19.68 -10.70 6.61
C LEU B 126 20.29 -9.91 5.47
N ALA B 127 21.57 -9.57 5.58
CA ALA B 127 22.25 -8.83 4.54
C ALA B 127 22.37 -9.65 3.25
N SER B 128 22.44 -10.99 3.37
CA SER B 128 22.45 -11.86 2.19
C SER B 128 21.15 -11.77 1.41
N ALA B 129 20.03 -11.84 2.12
CA ALA B 129 18.72 -11.70 1.51
C ALA B 129 18.58 -10.35 0.84
N ILE B 130 19.02 -9.32 1.55
CA ILE B 130 18.90 -7.97 1.05
C ILE B 130 19.78 -7.77 -0.20
N LYS B 131 21.01 -8.26 -0.18
CA LYS B 131 21.89 -8.18 -1.35
C LYS B 131 21.20 -8.77 -2.58
N TYR B 132 20.61 -9.94 -2.41
CA TYR B 132 19.90 -10.61 -3.49
C TYR B 132 18.73 -9.75 -4.00
N LEU B 133 17.90 -9.25 -3.07
CA LEU B 133 16.75 -8.43 -3.47
C LEU B 133 17.20 -7.19 -4.22
N HIS B 134 18.22 -6.50 -3.71
CA HIS B 134 18.68 -5.27 -4.33
C HIS B 134 19.30 -5.52 -5.71
N SER B 135 19.87 -6.71 -5.91
CA SER B 135 20.41 -7.09 -7.21
C SER B 135 19.29 -7.20 -8.25
N LEU B 136 18.08 -7.47 -7.76
CA LEU B 136 16.89 -7.53 -8.59
C LEU B 136 16.09 -6.22 -8.54
N ASN B 137 16.68 -5.19 -7.92
CA ASN B 137 16.06 -3.86 -7.79
C ASN B 137 14.77 -3.86 -6.97
N ILE B 138 14.68 -4.80 -6.04
CA ILE B 138 13.53 -4.90 -5.18
C ILE B 138 13.86 -4.32 -3.80
N VAL B 139 13.05 -3.38 -3.34
CA VAL B 139 13.17 -2.86 -1.99
C VAL B 139 12.09 -3.53 -1.17
N HIS B 140 12.44 -4.02 0.02
CA HIS B 140 11.49 -4.75 0.85
C HIS B 140 10.56 -3.80 1.62
N ARG B 141 11.13 -2.76 2.24
CA ARG B 141 10.38 -1.71 2.97
C ARG B 141 9.67 -2.12 4.25
N ASP B 142 9.81 -3.37 4.67
CA ASP B 142 9.16 -3.79 5.90
C ASP B 142 10.09 -4.74 6.65
N ILE B 143 11.37 -4.42 6.62
CA ILE B 143 12.31 -5.24 7.34
C ILE B 143 12.19 -4.91 8.84
N LYS B 144 11.82 -5.93 9.61
CA LYS B 144 11.65 -5.81 11.05
C LYS B 144 11.54 -7.24 11.59
N PRO B 145 11.72 -7.44 12.92
CA PRO B 145 11.77 -8.79 13.48
C PRO B 145 10.57 -9.71 13.22
N GLU B 146 9.35 -9.17 13.24
CA GLU B 146 8.16 -9.99 13.04
C GLU B 146 8.06 -10.59 11.66
N ASN B 147 8.79 -10.01 10.70
CA ASN B 147 8.80 -10.50 9.33
C ASN B 147 10.04 -11.34 9.06
N LEU B 148 10.74 -11.71 10.12
CA LEU B 148 11.89 -12.58 10.00
C LEU B 148 11.66 -13.88 10.75
N LEU B 149 11.88 -15.02 10.08
CA LEU B 149 11.63 -16.29 10.73
C LEU B 149 12.91 -16.98 11.13
N VAL B 150 12.88 -17.67 12.27
CA VAL B 150 14.09 -18.28 12.80
C VAL B 150 14.09 -19.75 12.43
N TYR B 151 14.96 -20.13 11.49
CA TYR B 151 15.07 -21.51 11.07
C TYR B 151 16.05 -22.23 11.98
N GLU B 152 15.68 -23.38 12.53
CA GLU B 152 16.60 -24.11 13.40
C GLU B 152 17.16 -25.35 12.70
N HIS B 153 18.48 -25.34 12.56
CA HIS B 153 19.26 -26.38 11.91
C HIS B 153 19.47 -27.71 12.63
N GLN B 154 19.84 -28.70 11.84
CA GLN B 154 20.18 -30.03 12.32
C GLN B 154 21.30 -29.96 13.37
N ASP B 155 22.17 -28.95 13.23
CA ASP B 155 23.30 -28.78 14.13
C ASP B 155 23.00 -27.98 15.40
N GLY B 156 21.79 -27.46 15.52
CA GLY B 156 21.37 -26.70 16.68
C GLY B 156 21.44 -25.21 16.42
N SER B 157 22.13 -24.87 15.33
CA SER B 157 22.30 -23.51 14.85
C SER B 157 21.02 -22.92 14.28
N LYS B 158 20.96 -21.60 14.19
CA LYS B 158 19.76 -20.93 13.70
C LYS B 158 20.10 -19.99 12.54
N SER B 159 19.14 -19.80 11.64
CA SER B 159 19.26 -18.89 10.50
C SER B 159 18.01 -18.07 10.33
N LEU B 160 18.16 -16.87 9.79
CA LEU B 160 16.96 -16.07 9.54
C LEU B 160 16.45 -16.29 8.12
N LYS B 161 15.14 -16.19 7.97
CA LYS B 161 14.51 -16.25 6.67
C LYS B 161 13.60 -15.03 6.62
N LEU B 162 13.71 -14.26 5.55
CA LEU B 162 12.90 -13.08 5.43
C LEU B 162 11.55 -13.47 4.84
N GLY B 163 10.45 -13.02 5.45
CA GLY B 163 9.14 -13.30 4.89
C GLY B 163 8.28 -12.06 4.65
N ASP B 164 6.98 -12.28 4.42
CA ASP B 164 6.01 -11.20 4.25
C ASP B 164 6.44 -10.09 3.28
N PHE B 165 6.25 -10.30 1.98
CA PHE B 165 6.64 -9.33 0.97
C PHE B 165 5.54 -8.31 0.56
N GLY B 166 4.64 -8.01 1.47
CA GLY B 166 3.51 -7.13 1.21
C GLY B 166 3.78 -5.70 0.81
N LEU B 167 4.88 -5.10 1.27
CA LEU B 167 5.19 -3.71 0.89
C LEU B 167 6.31 -3.63 -0.12
N ALA B 168 6.83 -4.78 -0.53
CA ALA B 168 7.97 -4.82 -1.43
C ALA B 168 7.57 -4.26 -2.79
N THR B 169 8.49 -3.58 -3.47
CA THR B 169 8.25 -3.12 -4.82
C THR B 169 9.56 -2.99 -5.58
N ILE B 170 9.48 -2.61 -6.85
CA ILE B 170 10.66 -2.39 -7.67
C ILE B 170 11.05 -0.91 -7.67
N VAL B 171 12.34 -0.65 -7.50
CA VAL B 171 12.88 0.71 -7.53
C VAL B 171 13.45 1.06 -8.92
N ASP B 172 12.80 2.03 -9.56
CA ASP B 172 13.21 2.58 -10.83
C ASP B 172 13.05 4.11 -10.72
N GLY B 173 13.97 4.74 -10.03
CA GLY B 173 13.86 6.14 -9.66
C GLY B 173 13.36 6.22 -8.23
N PRO B 174 13.41 7.40 -7.63
CA PRO B 174 13.02 7.53 -6.22
C PRO B 174 11.54 7.23 -5.90
N LEU B 175 11.31 6.61 -4.75
CA LEU B 175 9.97 6.33 -4.26
C LEU B 175 9.55 7.36 -3.21
N TYR B 176 8.25 7.57 -3.03
CA TYR B 176 7.82 8.59 -2.08
C TYR B 176 6.76 8.15 -1.08
N THR B 177 6.14 7.00 -1.32
CA THR B 177 5.11 6.49 -0.43
C THR B 177 5.62 6.32 1.01
N VAL B 178 4.96 7.02 1.93
CA VAL B 178 5.27 6.93 3.34
C VAL B 178 4.65 5.66 3.93
N CYS B 179 5.50 4.73 4.33
CA CYS B 179 5.05 3.45 4.85
C CYS B 179 6.10 2.81 5.76
N GLY B 180 5.65 1.88 6.58
CA GLY B 180 6.54 1.15 7.47
C GLY B 180 6.23 1.20 8.94
N THR B 181 7.15 0.67 9.73
CA THR B 181 7.01 0.66 11.19
C THR B 181 7.98 1.70 11.70
N PRO B 182 7.49 2.63 12.54
CA PRO B 182 8.30 3.77 13.02
C PRO B 182 9.70 3.45 13.57
N THR B 183 9.87 2.38 14.34
CA THR B 183 11.17 2.05 14.93
C THR B 183 12.20 1.77 13.84
N TYR B 184 11.75 1.17 12.74
CA TYR B 184 12.67 0.68 11.72
C TYR B 184 12.75 1.57 10.48
N VAL B 185 11.91 2.59 10.40
CA VAL B 185 11.79 3.41 9.19
C VAL B 185 12.96 4.40 8.99
N ALA B 186 13.53 4.42 7.79
CA ALA B 186 14.64 5.32 7.44
C ALA B 186 14.20 6.78 7.38
N PRO B 187 15.09 7.69 7.75
CA PRO B 187 14.75 9.12 7.79
C PRO B 187 14.27 9.74 6.46
N GLU B 188 14.83 9.37 5.31
CA GLU B 188 14.40 9.94 4.01
C GLU B 188 12.93 9.60 3.71
N ILE B 189 12.45 8.48 4.24
CA ILE B 189 11.05 8.12 4.09
C ILE B 189 10.22 9.19 4.83
N ILE B 190 10.57 9.47 6.10
CA ILE B 190 9.85 10.44 6.91
C ILE B 190 9.97 11.87 6.33
N ALA B 191 11.12 12.16 5.74
CA ALA B 191 11.43 13.47 5.18
C ALA B 191 10.71 13.75 3.86
N GLU B 192 10.25 12.68 3.21
CA GLU B 192 9.52 12.73 1.93
C GLU B 192 10.33 13.37 0.80
N THR B 193 11.64 13.20 0.81
CA THR B 193 12.48 13.76 -0.23
C THR B 193 12.86 12.73 -1.28
N GLY B 194 12.33 11.51 -1.17
CA GLY B 194 12.61 10.47 -2.13
C GLY B 194 13.57 9.42 -1.59
N TYR B 195 13.23 8.15 -1.78
CA TYR B 195 14.07 7.09 -1.25
C TYR B 195 14.21 5.91 -2.20
N GLY B 196 15.15 5.02 -1.89
CA GLY B 196 15.35 3.85 -2.71
C GLY B 196 15.77 2.63 -1.92
N LEU B 197 16.61 1.79 -2.51
CA LEU B 197 16.95 0.50 -1.91
C LEU B 197 17.56 0.56 -0.51
N LYS B 198 18.38 1.57 -0.25
CA LYS B 198 19.11 1.60 1.02
C LYS B 198 18.24 1.86 2.24
N VAL B 199 16.93 2.04 2.08
CA VAL B 199 16.09 2.13 3.27
C VAL B 199 16.13 0.79 4.03
N ASP B 200 16.39 -0.29 3.31
CA ASP B 200 16.48 -1.63 3.88
C ASP B 200 17.72 -1.79 4.76
N ILE B 201 18.79 -1.11 4.40
CA ILE B 201 20.02 -1.16 5.18
C ILE B 201 19.78 -0.50 6.52
N TRP B 202 19.11 0.65 6.53
CA TRP B 202 18.79 1.33 7.77
C TRP B 202 18.00 0.42 8.75
N ALA B 203 16.96 -0.24 8.25
CA ALA B 203 16.17 -1.16 9.06
C ALA B 203 17.03 -2.29 9.66
N ALA B 204 17.90 -2.85 8.83
CA ALA B 204 18.79 -3.92 9.26
C ALA B 204 19.74 -3.39 10.35
N GLY B 205 20.15 -2.13 10.20
CA GLY B 205 20.99 -1.46 11.17
C GLY B 205 20.30 -1.35 12.53
N VAL B 206 19.03 -0.97 12.50
CA VAL B 206 18.23 -0.83 13.71
C VAL B 206 18.06 -2.20 14.38
N ILE B 207 17.77 -3.23 13.59
CA ILE B 207 17.62 -4.58 14.13
C ILE B 207 18.92 -5.06 14.80
N THR B 208 20.05 -4.86 14.13
CA THR B 208 21.34 -5.31 14.64
C THR B 208 21.64 -4.63 15.97
N TYR B 209 21.29 -3.35 16.03
CA TYR B 209 21.46 -2.57 17.23
C TYR B 209 20.65 -3.20 18.35
N ILE B 210 19.39 -3.53 18.06
CA ILE B 210 18.53 -4.15 19.07
C ILE B 210 19.11 -5.49 19.50
N LEU B 211 19.59 -6.28 18.54
CA LEU B 211 20.18 -7.60 18.82
C LEU B 211 21.34 -7.51 19.82
N LEU B 212 22.15 -6.45 19.72
CA LEU B 212 23.34 -6.33 20.57
C LEU B 212 23.09 -5.73 21.96
N CYS B 213 22.02 -4.96 22.16
CA CYS B 213 21.82 -4.32 23.46
C CYS B 213 20.44 -4.54 24.05
N GLY B 214 19.50 -5.00 23.25
CA GLY B 214 18.15 -5.26 23.70
C GLY B 214 17.17 -4.11 23.57
N PHE B 215 17.62 -2.95 23.11
CA PHE B 215 16.75 -1.80 22.91
C PHE B 215 17.08 -1.08 21.59
N PRO B 216 16.11 -0.32 21.03
CA PRO B 216 16.37 0.33 19.74
C PRO B 216 17.23 1.59 19.89
N PRO B 217 17.87 2.04 18.79
CA PRO B 217 18.73 3.22 18.84
C PRO B 217 17.93 4.53 18.95
N PHE B 218 16.70 4.52 18.44
CA PHE B 218 15.82 5.69 18.51
C PHE B 218 14.54 5.29 19.26
N ARG B 219 14.30 5.77 20.48
CA ARG B 219 13.13 5.27 21.20
C ARG B 219 12.01 6.29 21.39
N GLY B 220 12.32 7.57 21.21
CA GLY B 220 11.30 8.60 21.37
C GLY B 220 10.72 8.80 22.76
N SER B 221 9.49 9.30 22.82
CA SER B 221 8.81 9.61 24.08
C SER B 221 7.37 9.09 24.06
N GLN B 225 4.22 9.85 19.38
CA GLN B 225 4.71 11.22 19.41
C GLN B 225 5.72 11.47 18.28
N GLU B 226 5.91 12.76 17.98
CA GLU B 226 6.87 13.22 16.97
C GLU B 226 8.30 13.21 17.48
N VAL B 227 8.50 12.92 18.76
CA VAL B 227 9.85 12.89 19.32
C VAL B 227 10.69 11.80 18.65
N LEU B 228 10.06 10.66 18.44
CA LEU B 228 10.68 9.52 17.75
C LEU B 228 11.15 9.89 16.36
N PHE B 229 10.24 10.51 15.61
CA PHE B 229 10.50 10.88 14.24
C PHE B 229 11.60 11.94 14.17
N ASP B 230 11.65 12.85 15.14
CA ASP B 230 12.75 13.82 15.22
C ASP B 230 14.08 13.15 15.48
N GLN B 231 14.08 12.15 16.36
CA GLN B 231 15.31 11.43 16.67
C GLN B 231 15.86 10.77 15.41
N ILE B 232 14.98 10.14 14.64
CA ILE B 232 15.37 9.47 13.41
C ILE B 232 15.90 10.46 12.39
N LEU B 233 15.21 11.59 12.21
CA LEU B 233 15.65 12.59 11.24
C LEU B 233 17.01 13.17 11.58
N MET B 234 17.35 13.26 12.87
CA MET B 234 18.66 13.82 13.22
C MET B 234 19.69 12.70 13.16
N GLY B 235 19.26 11.46 13.36
CA GLY B 235 20.13 10.31 13.24
C GLY B 235 21.38 10.20 14.09
N GLN B 236 21.38 10.72 15.31
CA GLN B 236 22.58 10.61 16.12
C GLN B 236 22.50 9.26 16.86
N VAL B 237 23.35 8.33 16.46
CA VAL B 237 23.38 7.00 17.05
C VAL B 237 24.30 6.96 18.26
N ASP B 238 23.72 6.69 19.43
CA ASP B 238 24.47 6.57 20.65
C ASP B 238 24.70 5.10 21.08
N PHE B 239 25.82 4.87 21.79
CA PHE B 239 26.10 3.56 22.34
C PHE B 239 26.31 3.70 23.85
N PRO B 240 25.20 3.80 24.61
CA PRO B 240 25.23 4.14 26.04
C PRO B 240 25.89 3.10 26.94
N SER B 241 26.56 3.58 28.00
CA SER B 241 27.18 2.73 29.03
C SER B 241 26.12 2.32 30.04
N PRO B 242 26.24 1.11 30.62
CA PRO B 242 27.29 0.11 30.41
C PRO B 242 27.03 -0.82 29.24
N TYR B 243 25.81 -0.80 28.73
CA TYR B 243 25.34 -1.69 27.67
C TYR B 243 26.29 -1.92 26.50
N TRP B 244 26.92 -0.86 26.01
CA TRP B 244 27.76 -1.02 24.84
C TRP B 244 29.26 -1.01 25.11
N ASP B 245 29.65 -0.98 26.37
CA ASP B 245 31.06 -0.88 26.72
C ASP B 245 31.88 -2.07 26.25
N ASN B 246 31.30 -3.26 26.37
CA ASN B 246 31.95 -4.51 26.00
C ASN B 246 31.71 -4.97 24.57
N VAL B 247 31.01 -4.16 23.79
CA VAL B 247 30.73 -4.48 22.40
C VAL B 247 31.90 -3.96 21.62
N SER B 248 32.35 -4.73 20.64
CA SER B 248 33.53 -4.35 19.87
C SER B 248 33.31 -3.06 19.11
N ASP B 249 34.42 -2.37 18.88
CA ASP B 249 34.43 -1.18 18.06
C ASP B 249 33.99 -1.49 16.64
N SER B 250 34.32 -2.69 16.18
CA SER B 250 33.96 -3.10 14.84
C SER B 250 32.44 -3.11 14.63
N ALA B 251 31.71 -3.65 15.60
CA ALA B 251 30.25 -3.69 15.53
C ALA B 251 29.67 -2.28 15.52
N LYS B 252 30.21 -1.42 16.38
CA LYS B 252 29.72 -0.05 16.48
C LYS B 252 29.98 0.67 15.15
N GLU B 253 31.14 0.40 14.56
CA GLU B 253 31.50 1.02 13.29
C GLU B 253 30.56 0.58 12.16
N LEU B 254 30.29 -0.72 12.11
CA LEU B 254 29.38 -1.24 11.08
C LEU B 254 28.00 -0.64 11.28
N ILE B 255 27.49 -0.66 12.52
CA ILE B 255 26.17 -0.11 12.81
C ILE B 255 26.10 1.38 12.45
N THR B 256 27.16 2.12 12.75
CA THR B 256 27.19 3.53 12.41
C THR B 256 27.01 3.76 10.91
N MET B 257 27.74 3.00 10.10
CA MET B 257 27.66 3.12 8.64
C MET B 257 26.32 2.69 8.07
N MET B 258 25.62 1.80 8.77
CA MET B 258 24.30 1.35 8.31
C MET B 258 23.22 2.38 8.70
N LEU B 259 23.50 3.19 9.72
CA LEU B 259 22.53 4.14 10.24
C LEU B 259 22.92 5.58 9.93
N LEU B 260 23.53 5.78 8.76
CA LEU B 260 23.87 7.13 8.31
C LEU B 260 22.68 7.78 7.63
N VAL B 261 22.43 9.04 7.98
CA VAL B 261 21.37 9.80 7.35
C VAL B 261 21.72 10.00 5.86
N ASP B 262 23.00 10.22 5.56
CA ASP B 262 23.45 10.39 4.17
C ASP B 262 23.41 9.10 3.37
N VAL B 263 22.44 9.03 2.47
CA VAL B 263 22.19 7.84 1.68
C VAL B 263 23.39 7.40 0.80
N ASP B 264 24.14 8.34 0.27
CA ASP B 264 25.24 7.92 -0.58
C ASP B 264 26.40 7.25 0.18
N GLN B 265 26.61 7.67 1.43
CA GLN B 265 27.59 7.06 2.34
C GLN B 265 27.09 5.85 3.09
N ARG B 266 25.80 5.79 3.41
CA ARG B 266 25.25 4.62 4.08
C ARG B 266 25.70 3.40 3.28
N PHE B 267 26.08 2.33 3.98
CA PHE B 267 26.50 1.11 3.32
C PHE B 267 25.45 0.48 2.43
N SER B 268 25.93 -0.10 1.34
CA SER B 268 25.12 -1.00 0.53
C SER B 268 25.08 -2.36 1.22
N ALA B 269 24.25 -3.27 0.73
CA ALA B 269 24.24 -4.61 1.28
C ALA B 269 25.59 -5.30 1.07
N VAL B 270 26.22 -5.06 -0.08
CA VAL B 270 27.54 -5.62 -0.38
C VAL B 270 28.57 -5.15 0.63
N GLN B 271 28.56 -3.86 0.93
CA GLN B 271 29.49 -3.32 1.92
C GLN B 271 29.27 -3.91 3.31
N VAL B 272 28.03 -4.14 3.68
CA VAL B 272 27.77 -4.77 4.96
C VAL B 272 28.38 -6.16 5.00
N LEU B 273 28.11 -6.97 3.99
CA LEU B 273 28.63 -8.34 3.96
C LEU B 273 30.15 -8.44 3.89
N GLU B 274 30.78 -7.37 3.39
CA GLU B 274 32.22 -7.34 3.27
C GLU B 274 32.90 -6.82 4.54
N HIS B 275 32.11 -6.25 5.44
CA HIS B 275 32.66 -5.67 6.65
C HIS B 275 33.16 -6.82 7.51
N PRO B 276 34.34 -6.67 8.11
CA PRO B 276 34.97 -7.73 8.93
C PRO B 276 34.11 -8.29 10.05
N TRP B 277 33.22 -7.48 10.62
CA TRP B 277 32.38 -7.93 11.73
C TRP B 277 31.45 -9.09 11.32
N VAL B 278 31.05 -9.14 10.05
CA VAL B 278 30.14 -10.18 9.57
C VAL B 278 30.89 -11.34 8.91
N ASN B 279 32.22 -11.28 8.97
CA ASN B 279 33.06 -12.31 8.35
C ASN B 279 33.82 -13.13 9.38
#